data_9KNI
#
_entry.id   9KNI
#
_cell.length_a   141.410
_cell.length_b   141.410
_cell.length_c   83.850
_cell.angle_alpha   90.00
_cell.angle_beta   90.00
_cell.angle_gamma   120.00
#
_symmetry.space_group_name_H-M   'H 3'
#
loop_
_entity.id
_entity.type
_entity.pdbx_description
1 polymer 'Alpha-ketoglutarate-dependent dioxygenase FTO'
2 non-polymer '2-OXOGLUTARIC ACID'
3 non-polymer '3-[[2,6-bis(chloranyl)-4-(3,5-dimethyl-1H-pyrazol-4-yl)phenyl]amino]thiophene-2-carboxylic acid'
4 water water
#
_entity_poly.entity_id   1
_entity_poly.type   'polypeptide(L)'
_entity_poly.pdbx_seq_one_letter_code
;GSHMTPKDDEFYQQWQLKYPKLILREASSVSEELHKEVQEAFLTLHKHGCLFRDLVRIQGKDLLTPVSRILIGNPGCTYK
YLNTRLFTVPWPVKGSNIKHTEAEIAAACETFLKLNDYLQIETIQALEELAAKEKANEDAVPLCMSADFPRVGMGSSYNG
QDEVDIKSRAAYNVTLLNFMDPQKMPYLKEEPYFGMGKMAVSWHHDENLVDRSAVAVYSYSCEGPEEESEDDSHLEGRDP
DIWHVGFKISWDIETPGLAIPLHQGDCYFMLDDLNATHQHCVLAGSQPRFSSTHRVAECSTGTLDYILQRCQLALQNVCD
DVDNDDVSLKSFEPAVLKQGEEIHNEVEFEWLRQFWFQGNRYRKCTDWWCQPMAQLEALWKKMEGVTNAVLHEVKREGLP
VEQRNEILTAILASLTARQNLRREWHARCQSRIARTLPADQKPECRPYWEKDDASMPLPFDLTDIVSELRGQLLEAKP
;
_entity_poly.pdbx_strand_id   A
#
loop_
_chem_comp.id
_chem_comp.type
_chem_comp.name
_chem_comp.formula
A1EF5 non-polymer '3-[[2,6-bis(chloranyl)-4-(3,5-dimethyl-1H-pyrazol-4-yl)phenyl]amino]thiophene-2-carboxylic acid' 'C16 H13 Cl2 N3 O2 S'
AKG non-polymer '2-OXOGLUTARIC ACID' 'C5 H6 O5'
#
# COMPACT_ATOMS: atom_id res chain seq x y z
N GLY A 1 25.88 -13.52 -15.79
CA GLY A 1 26.36 -12.20 -16.15
C GLY A 1 27.10 -11.50 -15.02
N SER A 2 27.26 -10.18 -15.16
CA SER A 2 27.94 -9.36 -14.16
C SER A 2 27.19 -8.04 -14.05
N HIS A 3 27.79 -7.07 -13.37
CA HIS A 3 27.18 -5.76 -13.16
C HIS A 3 28.19 -4.67 -13.47
N MET A 4 27.67 -3.44 -13.53
CA MET A 4 28.47 -2.28 -13.94
C MET A 4 28.30 -1.15 -12.94
N THR A 5 29.42 -0.51 -12.60
CA THR A 5 29.49 0.63 -11.71
C THR A 5 30.29 1.73 -12.39
N PRO A 6 30.24 2.97 -11.86
CA PRO A 6 31.06 4.05 -12.44
C PRO A 6 32.54 3.73 -12.58
N LYS A 7 32.99 2.63 -11.96
CA LYS A 7 34.38 2.21 -12.13
C LYS A 7 34.65 1.63 -13.52
N ASP A 8 33.61 1.24 -14.25
CA ASP A 8 33.77 0.63 -15.57
C ASP A 8 33.58 1.66 -16.67
N ASP A 9 34.36 1.52 -17.74
CA ASP A 9 34.28 2.45 -18.85
C ASP A 9 32.94 2.37 -19.57
N GLU A 10 32.44 1.16 -19.78
CA GLU A 10 31.18 0.96 -20.49
C GLU A 10 29.96 1.37 -19.68
N PHE A 11 30.14 1.66 -18.38
CA PHE A 11 29.00 1.96 -17.52
C PHE A 11 28.25 3.19 -17.99
N TYR A 12 28.98 4.20 -18.47
CA TYR A 12 28.36 5.47 -18.82
C TYR A 12 27.58 5.38 -20.12
N GLN A 13 28.09 4.62 -21.09
CA GLN A 13 27.37 4.46 -22.36
C GLN A 13 26.22 3.47 -22.23
N GLN A 14 26.27 2.55 -21.27
CA GLN A 14 25.13 1.69 -21.01
C GLN A 14 23.98 2.48 -20.40
N TRP A 15 24.29 3.43 -19.51
CA TRP A 15 23.27 4.32 -18.98
C TRP A 15 22.64 5.15 -20.10
N GLN A 16 23.44 5.60 -21.05
CA GLN A 16 22.92 6.43 -22.13
C GLN A 16 21.99 5.62 -23.04
N LEU A 17 22.41 4.41 -23.43
CA LEU A 17 21.69 3.69 -24.46
C LEU A 17 20.45 2.97 -23.93
N LYS A 18 20.59 2.24 -22.82
CA LYS A 18 19.54 1.33 -22.37
C LYS A 18 18.92 1.72 -21.04
N TYR A 19 19.30 2.84 -20.43
CA TYR A 19 18.58 3.38 -19.30
C TYR A 19 18.41 4.88 -19.40
N PRO A 20 17.91 5.43 -20.51
CA PRO A 20 17.80 6.89 -20.60
C PRO A 20 16.69 7.47 -19.74
N LYS A 21 15.76 6.65 -19.26
CA LYS A 21 14.67 7.11 -18.41
C LYS A 21 15.04 7.11 -16.94
N LEU A 22 16.29 6.81 -16.59
CA LEU A 22 16.79 6.90 -15.23
C LEU A 22 17.63 8.15 -15.10
N ILE A 23 17.23 9.04 -14.19
CA ILE A 23 17.91 10.31 -13.98
C ILE A 23 18.52 10.31 -12.58
N LEU A 24 19.75 10.82 -12.48
CA LEU A 24 20.43 10.99 -11.20
C LEU A 24 20.72 12.47 -10.98
N ARG A 25 20.34 12.98 -9.82
CA ARG A 25 20.63 14.35 -9.41
C ARG A 25 21.42 14.28 -8.10
N GLU A 26 22.70 14.62 -8.17
CA GLU A 26 23.56 14.49 -7.00
C GLU A 26 23.20 15.54 -5.94
N ALA A 27 23.67 15.29 -4.72
CA ALA A 27 23.30 16.14 -3.59
C ALA A 27 23.71 17.59 -3.77
N SER A 28 24.71 17.85 -4.61
CA SER A 28 25.17 19.22 -4.84
C SER A 28 24.15 20.07 -5.59
N SER A 29 23.08 19.47 -6.11
CA SER A 29 22.05 20.20 -6.84
C SER A 29 20.81 20.46 -5.99
N VAL A 30 20.93 20.35 -4.66
CA VAL A 30 19.84 20.61 -3.74
C VAL A 30 20.36 21.50 -2.62
N SER A 31 19.57 22.51 -2.28
CA SER A 31 19.95 23.47 -1.24
C SER A 31 20.28 22.75 0.07
N GLU A 32 21.36 23.19 0.72
CA GLU A 32 21.66 22.66 2.04
C GLU A 32 20.52 22.94 3.02
N GLU A 33 19.85 24.08 2.86
CA GLU A 33 18.69 24.39 3.68
C GLU A 33 17.68 23.26 3.66
N LEU A 34 17.55 22.57 2.53
CA LEU A 34 16.63 21.46 2.42
C LEU A 34 17.23 20.17 2.96
N HIS A 35 18.54 19.96 2.77
CA HIS A 35 19.19 18.76 3.29
C HIS A 35 19.04 18.67 4.81
N LYS A 36 19.33 19.76 5.50
CA LYS A 36 19.28 19.75 6.97
C LYS A 36 17.86 19.50 7.47
N GLU A 37 16.86 20.08 6.81
CA GLU A 37 15.49 19.92 7.26
C GLU A 37 14.99 18.50 7.04
N VAL A 38 15.28 17.92 5.87
CA VAL A 38 14.84 16.55 5.58
C VAL A 38 15.55 15.56 6.47
N GLN A 39 16.87 15.73 6.65
CA GLN A 39 17.64 14.78 7.44
C GLN A 39 17.28 14.85 8.91
N GLU A 40 16.88 16.03 9.41
CA GLU A 40 16.41 16.13 10.79
C GLU A 40 15.01 15.54 10.96
N ALA A 41 14.16 15.66 9.93
CA ALA A 41 12.84 15.05 10.00
C ALA A 41 12.92 13.53 9.95
N PHE A 42 13.92 12.99 9.23
CA PHE A 42 14.17 11.56 9.26
C PHE A 42 14.45 11.08 10.68
N LEU A 43 15.35 11.77 11.38
CA LEU A 43 15.71 11.38 12.74
C LEU A 43 14.64 11.75 13.75
N THR A 44 13.80 12.76 13.46
CA THR A 44 12.69 13.08 14.35
C THR A 44 11.66 11.96 14.37
N LEU A 45 11.31 11.43 13.18
CA LEU A 45 10.36 10.33 13.12
C LEU A 45 10.96 9.04 13.69
N HIS A 46 12.26 8.83 13.52
CA HIS A 46 12.88 7.63 14.06
C HIS A 46 12.92 7.66 15.59
N LYS A 47 13.17 8.83 16.17
CA LYS A 47 13.21 8.94 17.63
C LYS A 47 11.83 8.74 18.23
N HIS A 48 10.79 9.24 17.56
CA HIS A 48 9.42 9.05 18.02
C HIS A 48 8.86 7.67 17.69
N GLY A 49 9.66 6.79 17.10
CA GLY A 49 9.24 5.43 16.79
C GLY A 49 8.11 5.34 15.79
N CYS A 50 8.21 6.09 14.69
CA CYS A 50 7.15 6.17 13.70
C CYS A 50 7.37 5.24 12.51
N LEU A 51 8.49 4.55 12.45
CA LEU A 51 8.77 3.61 11.36
C LEU A 51 8.58 2.18 11.86
N PHE A 52 7.80 1.40 11.11
CA PHE A 52 7.42 0.06 11.54
C PHE A 52 7.71 -0.94 10.45
N ARG A 53 8.03 -2.16 10.87
CA ARG A 53 8.14 -3.28 9.94
C ARG A 53 6.76 -3.87 9.70
N ASP A 54 6.45 -4.13 8.44
CA ASP A 54 5.13 -4.65 8.07
C ASP A 54 5.14 -6.18 8.03
N LEU A 55 3.98 -6.76 8.29
CA LEU A 55 3.79 -8.21 8.28
C LEU A 55 3.00 -8.56 7.03
N VAL A 56 3.69 -8.57 5.89
CA VAL A 56 3.05 -8.78 4.59
C VAL A 56 2.89 -10.28 4.34
N ARG A 57 2.24 -10.62 3.22
CA ARG A 57 2.08 -12.02 2.81
C ARG A 57 2.48 -12.13 1.34
N ILE A 58 3.42 -13.04 1.06
CA ILE A 58 3.90 -13.29 -0.29
C ILE A 58 3.84 -14.79 -0.53
N GLN A 59 3.07 -15.21 -1.52
CA GLN A 59 3.03 -16.60 -1.96
C GLN A 59 2.60 -17.54 -0.83
N GLY A 60 1.71 -17.06 0.04
CA GLY A 60 1.14 -17.88 1.09
C GLY A 60 1.90 -17.91 2.40
N LYS A 61 3.05 -17.25 2.48
CA LYS A 61 3.84 -17.22 3.71
C LYS A 61 3.92 -15.79 4.23
N ASP A 62 3.90 -15.65 5.55
CA ASP A 62 3.93 -14.35 6.20
C ASP A 62 5.38 -13.95 6.49
N LEU A 63 5.76 -12.78 5.99
CA LEU A 63 7.13 -12.29 6.08
C LEU A 63 7.18 -10.96 6.81
N LEU A 64 8.20 -10.79 7.65
CA LEU A 64 8.51 -9.51 8.26
C LEU A 64 9.49 -8.77 7.36
N THR A 65 9.13 -7.55 6.96
CA THR A 65 9.99 -6.78 6.08
C THR A 65 11.27 -6.37 6.83
N PRO A 66 12.45 -6.54 6.23
CA PRO A 66 13.66 -6.03 6.88
C PRO A 66 13.68 -4.52 7.03
N VAL A 67 12.85 -3.81 6.28
CA VAL A 67 12.86 -2.35 6.23
C VAL A 67 11.71 -1.80 7.04
N SER A 68 11.98 -0.77 7.84
CA SER A 68 10.95 -0.06 8.58
C SER A 68 10.37 1.05 7.71
N ARG A 69 9.05 1.23 7.76
CA ARG A 69 8.37 2.11 6.83
C ARG A 69 7.33 2.97 7.54
N ILE A 70 6.99 4.08 6.89
CA ILE A 70 5.86 4.91 7.28
C ILE A 70 5.39 5.68 6.06
N LEU A 71 4.08 5.67 5.80
CA LEU A 71 3.51 6.34 4.64
C LEU A 71 3.05 7.74 5.02
N ILE A 72 3.40 8.72 4.20
CA ILE A 72 3.02 10.12 4.41
C ILE A 72 2.49 10.66 3.09
N GLY A 73 1.32 11.28 3.11
CA GLY A 73 0.75 11.81 1.89
C GLY A 73 -0.55 12.57 2.04
N ASN A 74 -1.36 12.55 0.98
CA ASN A 74 -2.62 13.28 0.99
C ASN A 74 -3.54 12.71 2.08
N PRO A 75 -4.33 13.56 2.73
CA PRO A 75 -5.30 13.05 3.71
C PRO A 75 -6.31 12.13 3.06
N GLY A 76 -6.51 10.97 3.67
CA GLY A 76 -7.47 10.00 3.18
C GLY A 76 -6.95 9.06 2.11
N CYS A 77 -5.72 9.22 1.66
CA CYS A 77 -5.17 8.36 0.62
C CYS A 77 -4.67 7.05 1.22
N THR A 78 -4.49 6.06 0.36
CA THR A 78 -3.89 4.78 0.75
C THR A 78 -2.97 4.30 -0.36
N TYR A 79 -2.02 3.44 0.01
CA TYR A 79 -1.10 2.82 -0.92
C TYR A 79 -0.99 1.35 -0.55
N LYS A 80 -1.24 0.47 -1.52
CA LYS A 80 -1.31 -0.96 -1.30
C LYS A 80 -0.14 -1.65 -1.99
N TYR A 81 0.64 -2.41 -1.23
CA TYR A 81 1.71 -3.22 -1.77
C TYR A 81 1.82 -4.50 -0.96
N LEU A 82 1.97 -5.63 -1.67
CA LEU A 82 2.10 -6.95 -1.06
C LEU A 82 0.92 -7.24 -0.11
N ASN A 83 -0.29 -6.99 -0.61
CA ASN A 83 -1.54 -7.29 0.09
C ASN A 83 -1.63 -6.55 1.43
N THR A 84 -0.94 -5.41 1.56
CA THR A 84 -0.98 -4.62 2.78
C THR A 84 -1.28 -3.18 2.42
N ARG A 85 -2.44 -2.69 2.85
CA ARG A 85 -2.83 -1.31 2.60
C ARG A 85 -2.24 -0.40 3.67
N LEU A 86 -1.50 0.61 3.24
CA LEU A 86 -0.92 1.59 4.14
C LEU A 86 -1.74 2.87 4.11
N PHE A 87 -1.96 3.45 5.28
CA PHE A 87 -2.77 4.64 5.44
C PHE A 87 -1.87 5.83 5.72
N THR A 88 -2.08 6.93 4.99
CA THR A 88 -1.18 8.06 5.06
C THR A 88 -1.32 8.82 6.38
N VAL A 89 -0.17 9.13 6.98
CA VAL A 89 -0.09 10.21 7.96
C VAL A 89 -0.19 11.49 7.15
N PRO A 90 -1.19 12.35 7.42
CA PRO A 90 -1.47 13.44 6.49
C PRO A 90 -0.43 14.54 6.55
N TRP A 91 -0.14 15.13 5.38
CA TRP A 91 0.67 16.33 5.33
C TRP A 91 -0.19 17.54 4.97
N PRO A 92 0.18 18.73 5.43
CA PRO A 92 -0.74 19.88 5.29
C PRO A 92 -0.93 20.37 3.87
N VAL A 93 -1.93 19.84 3.18
CA VAL A 93 -2.42 20.44 1.95
C VAL A 93 -3.56 21.37 2.33
N LYS A 94 -3.68 22.48 1.60
CA LYS A 94 -4.63 23.53 1.96
C LYS A 94 -6.04 22.98 2.06
N GLY A 95 -6.75 23.39 3.11
CA GLY A 95 -8.11 22.94 3.34
C GLY A 95 -8.19 21.50 3.79
N GLU A 102 3.01 15.30 19.03
CA GLU A 102 2.36 15.26 17.72
C GLU A 102 2.64 16.53 16.95
N ALA A 103 3.28 17.49 17.61
CA ALA A 103 3.69 18.74 16.97
C ALA A 103 5.02 18.62 16.26
N GLU A 104 5.99 17.91 16.87
CA GLU A 104 7.22 17.60 16.16
C GLU A 104 6.95 16.69 14.97
N ILE A 105 5.94 15.83 15.07
CA ILE A 105 5.62 14.91 13.99
C ILE A 105 4.96 15.66 12.84
N ALA A 106 4.00 16.54 13.16
CA ALA A 106 3.40 17.36 12.12
C ALA A 106 4.47 18.11 11.34
N ALA A 107 5.43 18.72 12.04
CA ALA A 107 6.50 19.46 11.39
C ALA A 107 7.30 18.60 10.42
N ALA A 108 7.49 17.32 10.75
CA ALA A 108 8.18 16.43 9.82
C ALA A 108 7.36 16.22 8.56
N CYS A 109 6.04 16.09 8.69
CA CYS A 109 5.20 15.92 7.52
C CYS A 109 5.20 17.16 6.63
N GLU A 110 5.22 18.35 7.24
CA GLU A 110 5.37 19.57 6.46
C GLU A 110 6.68 19.56 5.69
N THR A 111 7.75 19.07 6.31
CA THR A 111 9.05 19.00 5.65
C THR A 111 8.96 18.14 4.39
N PHE A 112 8.34 16.97 4.50
CA PHE A 112 8.26 16.06 3.35
C PHE A 112 7.23 16.52 2.33
N LEU A 113 6.29 17.38 2.72
CA LEU A 113 5.48 18.07 1.73
C LEU A 113 6.34 19.06 0.95
N LYS A 114 7.25 19.75 1.63
CA LYS A 114 8.15 20.68 0.96
C LYS A 114 9.10 19.93 0.01
N LEU A 115 9.61 18.78 0.44
CA LEU A 115 10.41 17.96 -0.45
C LEU A 115 9.58 17.45 -1.63
N ASN A 116 8.30 17.16 -1.38
CA ASN A 116 7.42 16.69 -2.45
C ASN A 116 7.26 17.74 -3.54
N ASP A 117 7.14 19.02 -3.15
CA ASP A 117 7.04 20.07 -4.15
C ASP A 117 8.31 20.19 -4.97
N TYR A 118 9.48 20.11 -4.32
CA TYR A 118 10.74 20.24 -5.04
C TYR A 118 10.91 19.10 -6.05
N LEU A 119 10.75 17.86 -5.60
CA LEU A 119 10.90 16.72 -6.51
C LEU A 119 9.87 16.76 -7.63
N GLN A 120 8.71 17.36 -7.38
CA GLN A 120 7.70 17.49 -8.42
C GLN A 120 8.20 18.40 -9.55
N ILE A 121 8.75 19.57 -9.20
CA ILE A 121 9.26 20.48 -10.21
C ILE A 121 10.44 19.86 -10.94
N GLU A 122 11.28 19.11 -10.24
CA GLU A 122 12.40 18.44 -10.88
C GLU A 122 11.91 17.37 -11.86
N THR A 123 10.88 16.63 -11.48
CA THR A 123 10.35 15.58 -12.36
C THR A 123 9.77 16.16 -13.64
N ILE A 124 9.01 17.26 -13.52
CA ILE A 124 8.40 17.87 -14.69
C ILE A 124 9.48 18.36 -15.66
N GLN A 125 10.56 18.94 -15.14
CA GLN A 125 11.62 19.43 -16.01
C GLN A 125 12.33 18.28 -16.69
N ALA A 126 12.60 17.19 -15.96
CA ALA A 126 13.27 16.04 -16.56
C ALA A 126 12.38 15.34 -17.59
N LEU A 127 11.06 15.38 -17.39
CA LEU A 127 10.16 14.82 -18.38
C LEU A 127 10.02 15.72 -19.60
N GLU A 128 10.21 17.03 -19.43
CA GLU A 128 10.18 17.93 -20.57
C GLU A 128 11.44 17.78 -21.42
N GLU A 129 12.60 17.59 -20.78
CA GLU A 129 13.82 17.37 -21.52
C GLU A 129 13.80 16.03 -22.27
N LEU A 130 13.07 15.05 -21.74
CA LEU A 130 13.02 13.74 -22.38
C LEU A 130 12.18 13.78 -23.66
N ALA A 131 11.04 14.47 -23.62
CA ALA A 131 10.19 14.57 -24.81
C ALA A 131 10.86 15.38 -25.92
N ALA A 132 11.65 16.39 -25.55
CA ALA A 132 12.35 17.17 -26.57
C ALA A 132 13.48 16.36 -27.21
N LYS A 133 14.16 15.52 -26.42
CA LYS A 133 15.21 14.67 -26.97
C LYS A 133 14.62 13.60 -27.89
N GLU A 134 13.40 13.14 -27.61
CA GLU A 134 12.77 12.12 -28.44
C GLU A 134 12.09 12.71 -29.66
N LYS A 135 11.72 13.99 -29.63
CA LYS A 135 11.11 14.61 -30.79
C LYS A 135 12.14 14.82 -31.90
N ALA A 136 13.30 15.39 -31.55
CA ALA A 136 14.37 15.60 -32.52
C ALA A 136 15.47 14.56 -32.33
N GLN A 161 -2.60 18.86 -23.83
CA GLN A 161 -2.52 17.62 -24.59
C GLN A 161 -1.56 16.63 -23.93
N ASP A 162 -0.27 16.95 -23.97
CA ASP A 162 0.75 16.14 -23.31
C ASP A 162 1.36 16.81 -22.09
N GLU A 163 1.29 18.14 -21.98
CA GLU A 163 1.63 18.79 -20.73
C GLU A 163 0.67 18.40 -19.62
N VAL A 164 -0.52 17.91 -19.97
CA VAL A 164 -1.44 17.37 -18.98
C VAL A 164 -0.94 16.02 -18.48
N ASP A 165 -0.50 15.15 -19.42
CA ASP A 165 0.02 13.85 -19.03
C ASP A 165 1.29 13.99 -18.20
N ILE A 166 2.14 14.95 -18.54
CA ILE A 166 3.38 15.15 -17.79
C ILE A 166 3.07 15.64 -16.38
N LYS A 167 2.09 16.52 -16.24
CA LYS A 167 1.74 17.03 -14.92
C LYS A 167 1.12 15.94 -14.05
N SER A 168 0.35 15.04 -14.65
CA SER A 168 -0.29 13.99 -13.86
C SER A 168 0.70 12.90 -13.46
N ARG A 169 1.61 12.54 -14.37
CA ARG A 169 2.62 11.54 -14.07
C ARG A 169 3.68 12.04 -13.08
N ALA A 170 3.65 13.31 -12.71
CA ALA A 170 4.54 13.84 -11.70
C ALA A 170 3.83 14.30 -10.43
N ALA A 171 2.49 14.34 -10.42
CA ALA A 171 1.73 14.82 -9.28
C ALA A 171 1.75 13.76 -8.18
N TYR A 172 2.88 13.70 -7.47
CA TYR A 172 3.03 12.76 -6.36
C TYR A 172 2.01 13.08 -5.27
N ASN A 173 1.30 12.06 -4.80
CA ASN A 173 0.34 12.22 -3.72
C ASN A 173 0.78 11.61 -2.41
N VAL A 174 1.74 10.67 -2.42
CA VAL A 174 2.24 10.04 -1.21
C VAL A 174 3.74 9.88 -1.30
N THR A 175 4.37 9.66 -0.16
CA THR A 175 5.77 9.24 -0.09
C THR A 175 5.89 8.15 0.97
N LEU A 176 6.67 7.12 0.66
CA LEU A 176 6.85 5.97 1.55
C LEU A 176 8.27 6.01 2.08
N LEU A 177 8.42 6.36 3.35
CA LEU A 177 9.73 6.47 3.96
C LEU A 177 10.24 5.10 4.39
N ASN A 178 11.53 4.87 4.23
CA ASN A 178 12.15 3.58 4.53
C ASN A 178 13.36 3.79 5.44
N PHE A 179 13.68 2.76 6.21
CA PHE A 179 14.85 2.77 7.07
C PHE A 179 15.32 1.34 7.32
N MET A 180 16.63 1.14 7.30
CA MET A 180 17.22 -0.14 7.66
C MET A 180 18.60 0.09 8.25
N ASP A 181 18.87 -0.57 9.38
CA ASP A 181 20.22 -0.64 9.91
C ASP A 181 20.81 -1.97 9.50
N PRO A 182 21.74 -2.00 8.54
CA PRO A 182 22.25 -3.30 8.05
C PRO A 182 22.93 -4.14 9.12
N GLN A 183 23.45 -3.53 10.17
CA GLN A 183 24.12 -4.28 11.23
C GLN A 183 23.16 -5.13 12.05
N LYS A 184 21.86 -4.90 11.95
CA LYS A 184 20.86 -5.65 12.70
C LYS A 184 20.49 -6.98 12.06
N MET A 185 21.06 -7.32 10.91
CA MET A 185 20.67 -8.53 10.21
C MET A 185 21.78 -9.57 10.27
N PRO A 186 21.46 -10.82 10.64
CA PRO A 186 22.50 -11.84 10.73
C PRO A 186 23.09 -12.21 9.38
N TYR A 187 22.25 -12.36 8.36
CA TYR A 187 22.69 -12.72 7.02
C TYR A 187 21.77 -12.05 6.02
N LEU A 188 22.33 -11.14 5.21
CA LEU A 188 21.57 -10.45 4.18
C LEU A 188 21.65 -11.26 2.89
N LYS A 189 20.52 -11.31 2.18
CA LYS A 189 20.46 -12.09 0.95
C LYS A 189 21.43 -11.53 -0.10
N GLU A 190 22.13 -12.43 -0.76
CA GLU A 190 23.04 -12.04 -1.84
C GLU A 190 22.26 -11.82 -3.13
N GLU A 191 22.71 -10.85 -3.91
CA GLU A 191 22.12 -10.62 -5.23
C GLU A 191 22.44 -11.81 -6.12
N PRO A 192 21.45 -12.50 -6.69
CA PRO A 192 21.68 -13.82 -7.27
C PRO A 192 22.04 -13.87 -8.75
N TYR A 193 22.01 -12.75 -9.48
CA TYR A 193 22.21 -12.79 -10.92
C TYR A 193 23.48 -12.13 -11.40
N PHE A 194 23.87 -11.00 -10.83
CA PHE A 194 24.98 -10.22 -11.35
C PHE A 194 26.13 -10.07 -10.36
N GLY A 195 26.10 -10.79 -9.23
CA GLY A 195 27.15 -10.67 -8.24
C GLY A 195 27.21 -9.31 -7.60
N MET A 196 26.07 -8.65 -7.42
CA MET A 196 26.01 -7.30 -6.86
C MET A 196 26.21 -7.27 -5.36
N GLY A 197 26.30 -8.42 -4.70
CA GLY A 197 26.53 -8.45 -3.28
C GLY A 197 25.26 -8.41 -2.45
N LYS A 198 25.36 -7.87 -1.23
CA LYS A 198 24.28 -7.97 -0.27
C LYS A 198 23.13 -7.05 -0.65
N MET A 199 21.90 -7.52 -0.43
CA MET A 199 20.69 -6.81 -0.79
C MET A 199 19.88 -6.46 0.46
N ALA A 200 19.29 -5.26 0.45
CA ALA A 200 18.31 -4.87 1.45
C ALA A 200 16.88 -5.09 0.96
N VAL A 201 16.61 -4.77 -0.30
CA VAL A 201 15.33 -5.05 -0.96
C VAL A 201 15.64 -5.76 -2.27
N SER A 202 14.98 -6.88 -2.51
CA SER A 202 15.26 -7.69 -3.68
C SER A 202 14.61 -7.10 -4.93
N TRP A 203 14.84 -7.75 -6.07
CA TRP A 203 14.36 -7.25 -7.35
C TRP A 203 12.84 -7.20 -7.38
N HIS A 204 12.29 -6.07 -7.83
CA HIS A 204 10.85 -5.88 -7.84
C HIS A 204 10.51 -4.70 -8.75
N HIS A 205 9.23 -4.61 -9.10
CA HIS A 205 8.63 -3.37 -9.58
C HIS A 205 7.84 -2.73 -8.46
N ASP A 206 7.68 -1.41 -8.53
CA ASP A 206 6.82 -0.71 -7.59
C ASP A 206 5.36 -0.92 -7.99
N GLU A 207 4.58 -1.54 -7.10
CA GLU A 207 3.20 -1.86 -7.39
C GLU A 207 2.30 -0.64 -7.18
N ASN A 208 1.09 -0.74 -7.75
CA ASN A 208 0.01 0.20 -7.48
C ASN A 208 0.44 1.64 -7.77
N LEU A 209 0.94 1.84 -8.99
CA LEU A 209 1.29 3.18 -9.48
C LEU A 209 0.45 3.48 -10.71
N VAL A 210 0.16 4.77 -10.91
CA VAL A 210 -0.48 5.20 -12.14
C VAL A 210 0.41 4.80 -13.31
N ASP A 211 -0.23 4.39 -14.41
CA ASP A 211 0.51 3.95 -15.58
C ASP A 211 1.47 5.04 -16.06
N ARG A 212 2.73 4.65 -16.24
CA ARG A 212 3.78 5.54 -16.72
C ARG A 212 4.02 6.73 -15.79
N SER A 213 3.67 6.59 -14.52
CA SER A 213 3.94 7.64 -13.54
C SER A 213 5.37 7.54 -13.03
N ALA A 214 5.96 8.68 -12.73
CA ALA A 214 7.34 8.73 -12.29
C ALA A 214 7.45 8.40 -10.81
N VAL A 215 8.69 8.16 -10.37
CA VAL A 215 9.00 7.90 -8.97
C VAL A 215 10.30 8.62 -8.64
N ALA A 216 10.27 9.44 -7.59
CA ALA A 216 11.43 10.17 -7.12
C ALA A 216 11.83 9.69 -5.75
N VAL A 217 13.14 9.48 -5.56
CA VAL A 217 13.67 8.93 -4.32
C VAL A 217 14.77 9.85 -3.78
N TYR A 218 14.65 10.22 -2.52
CA TYR A 218 15.70 10.93 -1.80
C TYR A 218 16.44 9.92 -0.93
N SER A 219 17.71 9.68 -1.24
CA SER A 219 18.53 8.72 -0.50
C SER A 219 19.37 9.46 0.54
N TYR A 220 19.34 8.96 1.77
CA TYR A 220 20.07 9.56 2.89
C TYR A 220 20.83 8.46 3.62
N SER A 221 22.06 8.20 3.19
CA SER A 221 22.95 7.30 3.91
C SER A 221 23.50 8.03 5.14
N CYS A 222 23.41 7.36 6.30
CA CYS A 222 23.77 8.03 7.55
C CYS A 222 25.25 8.36 7.61
N GLU A 223 26.11 7.47 7.13
CA GLU A 223 27.54 7.71 7.14
C GLU A 223 28.25 6.82 6.11
N LEU A 235 38.14 -3.35 -5.32
CA LEU A 235 38.10 -2.71 -6.67
C LEU A 235 37.52 -3.70 -7.67
N GLU A 236 37.36 -4.96 -7.27
CA GLU A 236 36.87 -6.00 -8.22
C GLU A 236 35.52 -5.56 -8.78
N GLY A 237 34.60 -5.13 -7.90
CA GLY A 237 33.25 -4.77 -8.36
C GLY A 237 32.67 -3.63 -7.58
N ARG A 238 31.54 -3.85 -6.90
CA ARG A 238 30.84 -2.75 -6.19
C ARG A 238 31.40 -2.56 -4.78
N ASP A 239 31.46 -1.32 -4.33
CA ASP A 239 31.87 -1.05 -2.96
C ASP A 239 30.79 -1.55 -2.01
N PRO A 240 31.05 -2.60 -1.21
CA PRO A 240 29.99 -3.11 -0.32
C PRO A 240 29.66 -2.17 0.83
N ASP A 241 30.51 -1.18 1.11
CA ASP A 241 30.26 -0.25 2.21
C ASP A 241 29.28 0.85 1.83
N ILE A 242 29.10 1.12 0.54
CA ILE A 242 28.27 2.21 0.06
C ILE A 242 26.94 1.65 -0.43
N TRP A 243 25.86 2.35 -0.13
CA TRP A 243 24.54 1.92 -0.59
C TRP A 243 24.38 2.19 -2.07
N HIS A 244 23.74 1.25 -2.77
CA HIS A 244 23.49 1.35 -4.20
C HIS A 244 22.03 1.10 -4.48
N VAL A 245 21.61 1.46 -5.69
CA VAL A 245 20.34 1.02 -6.26
C VAL A 245 20.64 0.25 -7.54
N GLY A 246 20.08 -0.94 -7.66
CA GLY A 246 20.34 -1.81 -8.79
C GLY A 246 19.25 -1.70 -9.84
N PHE A 247 19.60 -2.03 -11.08
CA PHE A 247 18.66 -1.97 -12.18
C PHE A 247 18.97 -3.07 -13.17
N LYS A 248 17.90 -3.68 -13.71
CA LYS A 248 18.02 -4.74 -14.69
C LYS A 248 16.80 -4.71 -15.59
N ILE A 249 16.93 -5.31 -16.76
CA ILE A 249 15.79 -5.48 -17.65
C ILE A 249 14.99 -6.69 -17.19
N SER A 250 13.67 -6.58 -17.24
CA SER A 250 12.81 -7.70 -16.88
C SER A 250 13.10 -8.89 -17.79
N TRP A 251 13.08 -10.09 -17.19
CA TRP A 251 13.33 -11.36 -17.86
C TRP A 251 14.76 -11.51 -18.36
N ASP A 252 15.65 -10.58 -18.04
CA ASP A 252 16.98 -10.53 -18.63
C ASP A 252 18.05 -10.54 -17.53
N ILE A 253 18.76 -11.65 -17.40
CA ILE A 253 19.96 -11.73 -16.58
C ILE A 253 21.22 -11.81 -17.42
N GLU A 254 21.09 -11.79 -18.74
CA GLU A 254 22.27 -11.77 -19.61
C GLU A 254 22.80 -10.36 -19.79
N THR A 255 21.90 -9.39 -19.98
CA THR A 255 22.31 -7.99 -20.05
C THR A 255 22.82 -7.54 -18.69
N PRO A 256 24.06 -7.09 -18.57
CA PRO A 256 24.58 -6.70 -17.25
C PRO A 256 23.79 -5.54 -16.66
N GLY A 257 23.52 -5.62 -15.36
CA GLY A 257 22.76 -4.61 -14.68
C GLY A 257 23.63 -3.47 -14.16
N LEU A 258 22.95 -2.40 -13.75
CA LEU A 258 23.62 -1.20 -13.25
C LEU A 258 23.50 -1.12 -11.73
N ALA A 259 24.62 -0.80 -11.09
CA ALA A 259 24.66 -0.51 -9.66
C ALA A 259 25.02 0.96 -9.49
N ILE A 260 24.05 1.77 -9.08
CA ILE A 260 24.22 3.22 -9.00
C ILE A 260 24.54 3.55 -7.54
N PRO A 261 25.76 4.01 -7.23
CA PRO A 261 26.08 4.36 -5.84
C PRO A 261 25.30 5.59 -5.40
N LEU A 262 24.83 5.56 -4.15
CA LEU A 262 24.02 6.62 -3.58
C LEU A 262 24.71 7.15 -2.34
N HIS A 263 24.97 8.46 -2.32
CA HIS A 263 25.61 9.11 -1.19
C HIS A 263 24.57 9.85 -0.36
N GLN A 264 25.03 10.65 0.59
CA GLN A 264 24.14 11.39 1.48
C GLN A 264 23.53 12.56 0.72
N GLY A 265 22.27 12.42 0.31
CA GLY A 265 21.54 13.48 -0.35
C GLY A 265 21.30 13.28 -1.83
N ASP A 266 21.74 12.16 -2.41
CA ASP A 266 21.50 11.92 -3.83
C ASP A 266 20.03 11.59 -4.09
N CYS A 267 19.54 12.01 -5.25
CA CYS A 267 18.19 11.72 -5.69
C CYS A 267 18.23 11.08 -7.07
N TYR A 268 17.51 9.98 -7.24
CA TYR A 268 17.34 9.37 -8.54
C TYR A 268 15.87 9.31 -8.91
N PHE A 269 15.60 9.28 -10.22
CA PHE A 269 14.25 9.39 -10.75
C PHE A 269 14.00 8.26 -11.74
N MET A 270 12.87 7.58 -11.61
CA MET A 270 12.41 6.59 -12.58
C MET A 270 11.28 7.21 -13.38
N LEU A 271 11.56 7.54 -14.64
CA LEU A 271 10.61 8.26 -15.48
C LEU A 271 9.85 7.30 -16.39
N ASP A 272 8.61 7.67 -16.69
CA ASP A 272 7.79 7.03 -17.74
C ASP A 272 7.64 5.55 -17.41
N ASP A 273 7.94 4.64 -18.33
CA ASP A 273 7.72 3.21 -18.15
C ASP A 273 8.94 2.48 -17.61
N LEU A 274 9.89 3.20 -17.00
CA LEU A 274 11.08 2.56 -16.47
C LEU A 274 10.73 1.57 -15.36
N ASN A 275 9.75 1.92 -14.52
CA ASN A 275 9.33 1.02 -13.45
C ASN A 275 8.68 -0.25 -13.98
N ALA A 276 8.14 -0.23 -15.20
CA ALA A 276 7.46 -1.39 -15.76
C ALA A 276 8.39 -2.29 -16.56
N THR A 277 9.27 -1.70 -17.37
CA THR A 277 10.18 -2.48 -18.20
C THR A 277 11.42 -2.97 -17.45
N HIS A 278 11.69 -2.41 -16.27
CA HIS A 278 12.88 -2.75 -15.52
C HIS A 278 12.53 -3.06 -14.07
N GLN A 279 13.33 -3.93 -13.47
CA GLN A 279 13.27 -4.19 -12.04
C GLN A 279 14.38 -3.42 -11.34
N HIS A 280 14.15 -3.09 -10.06
CA HIS A 280 15.17 -2.41 -9.28
C HIS A 280 15.24 -3.04 -7.89
N CYS A 281 16.42 -2.93 -7.28
CA CYS A 281 16.67 -3.44 -5.94
C CYS A 281 17.47 -2.41 -5.17
N VAL A 282 17.74 -2.72 -3.90
CA VAL A 282 18.52 -1.84 -3.03
C VAL A 282 19.69 -2.65 -2.49
N LEU A 283 20.90 -2.23 -2.82
CA LEU A 283 22.11 -2.89 -2.36
C LEU A 283 22.58 -2.27 -1.05
N ALA A 284 22.76 -3.11 -0.03
CA ALA A 284 23.04 -2.62 1.31
C ALA A 284 24.49 -2.20 1.47
N GLY A 285 24.71 -1.14 2.22
CA GLY A 285 26.02 -0.70 2.65
C GLY A 285 26.33 -1.17 4.06
N SER A 286 27.16 -0.40 4.76
CA SER A 286 27.53 -0.72 6.13
C SER A 286 26.85 0.16 7.16
N GLN A 287 26.58 1.42 6.84
CA GLN A 287 25.91 2.32 7.75
C GLN A 287 24.41 2.35 7.46
N PRO A 288 23.59 2.71 8.45
CA PRO A 288 22.15 2.82 8.20
C PRO A 288 21.84 3.87 7.14
N ARG A 289 20.62 3.82 6.62
CA ARG A 289 20.24 4.70 5.52
C ARG A 289 18.73 4.91 5.53
N PHE A 290 18.31 6.16 5.38
CA PHE A 290 16.92 6.52 5.16
C PHE A 290 16.66 6.76 3.68
N SER A 291 15.40 6.64 3.29
CA SER A 291 15.01 6.94 1.92
C SER A 291 13.55 7.40 1.92
N SER A 292 13.25 8.34 1.03
CA SER A 292 11.90 8.88 0.87
C SER A 292 11.52 8.73 -0.60
N THR A 293 10.66 7.74 -0.90
CA THR A 293 10.27 7.41 -2.26
C THR A 293 8.87 7.98 -2.52
N HIS A 294 8.82 9.00 -3.38
CA HIS A 294 7.56 9.69 -3.69
C HIS A 294 6.95 9.06 -4.93
N ARG A 295 5.65 8.76 -4.86
CA ARG A 295 4.96 8.05 -5.92
C ARG A 295 3.62 8.72 -6.22
N VAL A 296 3.09 8.39 -7.39
CA VAL A 296 1.72 8.75 -7.75
C VAL A 296 0.91 7.47 -7.61
N ALA A 297 0.37 7.25 -6.41
CA ALA A 297 -0.35 6.03 -6.12
C ALA A 297 -1.66 5.99 -6.90
N GLU A 298 -1.99 4.80 -7.41
CA GLU A 298 -3.27 4.58 -8.07
C GLU A 298 -4.32 4.35 -6.96
N CYS A 299 -5.11 5.39 -6.69
CA CYS A 299 -6.01 5.41 -5.55
C CYS A 299 -7.46 5.61 -5.95
N SER A 300 -7.83 5.17 -7.16
CA SER A 300 -9.22 5.30 -7.60
C SER A 300 -10.16 4.46 -6.74
N THR A 301 -9.67 3.40 -6.11
CA THR A 301 -10.42 2.63 -5.13
C THR A 301 -9.69 2.58 -3.79
N GLY A 302 -8.98 3.66 -3.46
CA GLY A 302 -8.16 3.66 -2.26
C GLY A 302 -8.11 4.97 -1.51
N THR A 303 -9.18 5.76 -1.59
CA THR A 303 -9.31 6.97 -0.79
C THR A 303 -10.52 6.83 0.13
N LEU A 304 -10.48 7.57 1.25
CA LEU A 304 -11.59 7.56 2.18
C LEU A 304 -12.87 8.04 1.52
N ASP A 305 -12.77 9.06 0.67
CA ASP A 305 -13.95 9.56 -0.03
C ASP A 305 -14.56 8.49 -0.92
N TYR A 306 -13.71 7.69 -1.59
CA TYR A 306 -14.23 6.62 -2.44
C TYR A 306 -15.01 5.60 -1.62
N ILE A 307 -14.44 5.14 -0.51
CA ILE A 307 -15.04 4.05 0.23
C ILE A 307 -16.28 4.53 1.01
N LEU A 308 -16.32 5.81 1.38
CA LEU A 308 -17.52 6.35 2.02
C LEU A 308 -18.66 6.43 1.02
N GLN A 309 -18.37 6.83 -0.22
CA GLN A 309 -19.40 6.86 -1.26
C GLN A 309 -19.90 5.45 -1.54
N ARG A 310 -18.98 4.49 -1.66
CA ARG A 310 -19.36 3.10 -1.87
C ARG A 310 -20.29 2.61 -0.77
N CYS A 311 -20.03 3.01 0.48
CA CYS A 311 -20.91 2.63 1.58
C CYS A 311 -22.28 3.27 1.43
N GLN A 312 -22.32 4.57 1.07
CA GLN A 312 -23.59 5.25 0.88
C GLN A 312 -24.41 4.59 -0.23
N LEU A 313 -23.75 4.12 -1.28
CA LEU A 313 -24.46 3.47 -2.37
C LEU A 313 -25.09 2.15 -1.92
N ALA A 314 -24.42 1.42 -1.02
CA ALA A 314 -24.98 0.16 -0.54
C ALA A 314 -26.16 0.41 0.40
N LEU A 315 -26.17 1.52 1.12
CA LEU A 315 -27.23 1.82 2.07
C LEU A 315 -28.40 2.55 1.43
N GLN A 316 -28.34 2.85 0.13
CA GLN A 316 -29.51 3.39 -0.55
C GLN A 316 -30.65 2.37 -0.63
N ASN A 317 -30.34 1.09 -0.40
CA ASN A 317 -31.33 0.02 -0.36
C ASN A 317 -31.92 -0.17 1.03
N VAL A 318 -31.68 0.76 1.95
CA VAL A 318 -32.08 0.61 3.35
C VAL A 318 -32.95 1.79 3.75
N CYS A 319 -34.03 1.51 4.47
CA CYS A 319 -34.87 2.57 5.05
CA CYS A 319 -34.87 2.57 5.05
C CYS A 319 -34.08 3.26 6.15
N ASP A 320 -33.56 4.44 5.85
CA ASP A 320 -32.64 5.17 6.72
C ASP A 320 -33.34 6.21 7.59
N ASP A 321 -34.55 5.92 8.07
CA ASP A 321 -35.21 6.85 8.98
C ASP A 321 -34.50 6.91 10.32
N VAL A 322 -34.14 5.75 10.87
CA VAL A 322 -33.60 5.64 12.22
C VAL A 322 -32.58 4.52 12.26
N ASP A 323 -31.61 4.63 13.16
CA ASP A 323 -30.54 3.65 13.31
C ASP A 323 -30.92 2.68 14.42
N ASN A 324 -31.45 1.52 14.03
CA ASN A 324 -31.71 0.44 14.97
C ASN A 324 -31.52 -0.89 14.24
N ASP A 325 -31.86 -1.98 14.92
CA ASP A 325 -31.67 -3.32 14.37
C ASP A 325 -32.80 -3.75 13.43
N ASP A 326 -33.85 -2.95 13.29
CA ASP A 326 -34.95 -3.26 12.38
C ASP A 326 -34.57 -2.79 10.98
N VAL A 327 -33.69 -3.56 10.34
CA VAL A 327 -33.19 -3.23 9.01
C VAL A 327 -34.18 -3.73 7.98
N SER A 328 -34.72 -2.81 7.18
CA SER A 328 -35.69 -3.13 6.14
C SER A 328 -35.15 -2.67 4.79
N LEU A 329 -35.05 -3.59 3.84
CA LEU A 329 -34.45 -3.34 2.54
C LEU A 329 -35.50 -2.96 1.51
N LYS A 330 -35.21 -1.91 0.74
CA LYS A 330 -36.19 -1.39 -0.22
C LYS A 330 -36.40 -2.36 -1.38
N SER A 331 -35.33 -2.97 -1.88
CA SER A 331 -35.41 -3.82 -3.05
C SER A 331 -34.71 -5.15 -2.80
N PHE A 332 -35.22 -6.20 -3.44
CA PHE A 332 -34.58 -7.51 -3.44
C PHE A 332 -34.19 -7.94 -4.85
N GLU A 333 -34.02 -6.99 -5.75
CA GLU A 333 -33.56 -7.31 -7.09
C GLU A 333 -32.14 -7.85 -7.01
N PRO A 334 -31.85 -9.00 -7.64
CA PRO A 334 -30.50 -9.59 -7.59
C PRO A 334 -29.32 -8.63 -7.73
N ALA A 335 -29.31 -7.76 -8.74
CA ALA A 335 -28.11 -6.95 -8.95
C ALA A 335 -27.91 -5.93 -7.82
N VAL A 336 -29.01 -5.43 -7.24
CA VAL A 336 -28.86 -4.51 -6.10
C VAL A 336 -28.31 -5.25 -4.89
N LEU A 337 -28.72 -6.50 -4.69
CA LEU A 337 -28.22 -7.28 -3.56
C LEU A 337 -26.79 -7.77 -3.83
N LYS A 338 -26.48 -8.12 -5.07
CA LYS A 338 -25.11 -8.42 -5.45
C LYS A 338 -24.19 -7.25 -5.13
N GLN A 339 -24.61 -6.05 -5.52
CA GLN A 339 -23.82 -4.85 -5.25
C GLN A 339 -23.68 -4.59 -3.75
N GLY A 340 -24.73 -4.88 -2.99
CA GLY A 340 -24.69 -4.63 -1.56
C GLY A 340 -23.69 -5.51 -0.83
N GLU A 341 -23.69 -6.81 -1.14
CA GLU A 341 -22.78 -7.74 -0.47
C GLU A 341 -21.35 -7.63 -0.98
N GLU A 342 -21.15 -7.11 -2.19
CA GLU A 342 -19.78 -6.87 -2.66
C GLU A 342 -19.17 -5.66 -1.96
N ILE A 343 -19.94 -4.58 -1.81
CA ILE A 343 -19.48 -3.45 -1.02
C ILE A 343 -19.26 -3.87 0.43
N HIS A 344 -20.10 -4.78 0.94
CA HIS A 344 -19.90 -5.31 2.28
C HIS A 344 -18.53 -5.96 2.42
N ASN A 345 -18.12 -6.75 1.42
CA ASN A 345 -16.81 -7.38 1.48
C ASN A 345 -15.69 -6.36 1.32
N GLU A 346 -15.92 -5.31 0.53
CA GLU A 346 -14.86 -4.34 0.25
C GLU A 346 -14.46 -3.57 1.50
N VAL A 347 -15.45 -3.07 2.24
CA VAL A 347 -15.13 -2.27 3.43
C VAL A 347 -14.52 -3.14 4.52
N GLU A 348 -15.02 -4.36 4.67
CA GLU A 348 -14.53 -5.24 5.73
C GLU A 348 -13.07 -5.60 5.51
N PHE A 349 -12.73 -6.07 4.31
CA PHE A 349 -11.43 -6.68 4.05
C PHE A 349 -10.40 -5.71 3.50
N GLU A 350 -10.78 -4.80 2.61
CA GLU A 350 -9.83 -3.86 2.06
C GLU A 350 -9.55 -2.68 2.98
N TRP A 351 -10.36 -2.49 4.02
CA TRP A 351 -10.19 -1.32 4.88
C TRP A 351 -10.15 -1.69 6.36
N LEU A 352 -11.22 -2.31 6.86
CA LEU A 352 -11.31 -2.59 8.29
C LEU A 352 -10.21 -3.54 8.75
N ARG A 353 -10.19 -4.75 8.21
CA ARG A 353 -9.20 -5.73 8.65
C ARG A 353 -7.79 -5.33 8.26
N GLN A 354 -7.63 -4.60 7.16
CA GLN A 354 -6.32 -4.10 6.79
C GLN A 354 -5.81 -3.08 7.80
N PHE A 355 -6.71 -2.22 8.29
CA PHE A 355 -6.31 -1.17 9.24
C PHE A 355 -5.92 -1.77 10.58
N TRP A 356 -6.81 -2.58 11.17
CA TRP A 356 -6.56 -3.12 12.50
C TRP A 356 -5.54 -4.25 12.50
N PHE A 357 -5.19 -4.80 11.34
CA PHE A 357 -4.09 -5.75 11.28
C PHE A 357 -2.77 -5.10 11.69
N GLN A 358 -2.66 -3.78 11.55
CA GLN A 358 -1.45 -3.09 11.98
C GLN A 358 -1.42 -2.88 13.50
N GLY A 359 -2.60 -2.74 14.12
CA GLY A 359 -2.69 -2.77 15.57
C GLY A 359 -2.57 -1.44 16.28
N ASN A 360 -3.31 -0.44 15.81
CA ASN A 360 -3.35 0.89 16.43
C ASN A 360 -1.96 1.52 16.53
N ARG A 361 -1.04 1.11 15.67
CA ARG A 361 0.27 1.75 15.63
C ARG A 361 0.21 3.10 14.95
N TYR A 362 -0.76 3.30 14.06
CA TYR A 362 -0.97 4.63 13.49
C TYR A 362 -1.39 5.62 14.55
N ARG A 363 -1.99 5.14 15.64
CA ARG A 363 -2.35 5.99 16.78
C ARG A 363 -1.14 6.56 17.50
N LYS A 364 0.07 6.15 17.14
CA LYS A 364 1.27 6.75 17.71
C LYS A 364 1.64 8.05 17.02
N CYS A 365 1.33 8.16 15.72
CA CYS A 365 1.69 9.33 14.93
C CYS A 365 0.53 10.30 14.75
N THR A 366 -0.69 9.80 14.54
CA THR A 366 -1.84 10.68 14.33
C THR A 366 -3.11 9.93 14.69
N ASP A 367 -4.17 10.70 14.95
CA ASP A 367 -5.50 10.16 15.17
C ASP A 367 -6.43 10.45 14.00
N TRP A 368 -5.87 10.72 12.82
CA TRP A 368 -6.67 11.13 11.68
C TRP A 368 -7.66 10.05 11.26
N TRP A 369 -7.26 8.79 11.37
CA TRP A 369 -8.07 7.67 10.91
C TRP A 369 -8.99 7.11 11.99
N CYS A 370 -8.91 7.61 13.22
CA CYS A 370 -9.70 7.04 14.31
C CYS A 370 -11.20 7.18 14.05
N GLN A 371 -11.65 8.41 13.79
CA GLN A 371 -13.07 8.64 13.51
C GLN A 371 -13.51 7.98 12.21
N PRO A 372 -12.76 8.10 11.11
CA PRO A 372 -13.16 7.36 9.88
C PRO A 372 -13.26 5.86 10.09
N MET A 373 -12.26 5.24 10.72
CA MET A 373 -12.31 3.80 10.95
C MET A 373 -13.48 3.43 11.86
N ALA A 374 -13.84 4.31 12.79
CA ALA A 374 -15.02 4.06 13.62
C ALA A 374 -16.31 4.28 12.83
N GLN A 375 -16.30 5.18 11.85
CA GLN A 375 -17.48 5.38 11.03
C GLN A 375 -17.66 4.24 10.04
N LEU A 376 -16.57 3.77 9.44
CA LEU A 376 -16.66 2.64 8.51
C LEU A 376 -17.08 1.37 9.24
N GLU A 377 -16.61 1.19 10.47
CA GLU A 377 -17.06 0.04 11.26
C GLU A 377 -18.54 0.14 11.58
N ALA A 378 -19.01 1.34 11.92
CA ALA A 378 -20.44 1.55 12.15
C ALA A 378 -21.25 1.28 10.88
N LEU A 379 -20.75 1.76 9.74
CA LEU A 379 -21.42 1.49 8.48
C LEU A 379 -21.41 0.01 8.15
N TRP A 380 -20.32 -0.68 8.51
CA TRP A 380 -20.21 -2.11 8.24
C TRP A 380 -21.20 -2.92 9.08
N LYS A 381 -21.43 -2.51 10.33
CA LYS A 381 -22.39 -3.20 11.18
C LYS A 381 -23.78 -3.17 10.57
N LYS A 382 -24.17 -2.03 10.00
CA LYS A 382 -25.47 -1.94 9.33
C LYS A 382 -25.56 -2.93 8.18
N MET A 383 -24.47 -3.14 7.45
CA MET A 383 -24.48 -4.08 6.35
C MET A 383 -24.56 -5.52 6.84
N GLU A 384 -24.06 -5.80 8.05
CA GLU A 384 -24.31 -7.10 8.65
C GLU A 384 -25.79 -7.34 8.85
N GLY A 385 -26.53 -6.31 9.29
CA GLY A 385 -27.97 -6.43 9.40
C GLY A 385 -28.66 -6.51 8.05
N VAL A 386 -28.05 -5.92 7.01
CA VAL A 386 -28.60 -6.05 5.67
C VAL A 386 -28.48 -7.49 5.19
N THR A 387 -27.31 -8.11 5.40
CA THR A 387 -27.15 -9.52 5.05
C THR A 387 -28.13 -10.39 5.82
N ASN A 388 -28.36 -10.09 7.10
CA ASN A 388 -29.36 -10.82 7.87
C ASN A 388 -30.76 -10.59 7.32
N ALA A 389 -31.04 -9.37 6.83
CA ALA A 389 -32.34 -9.11 6.22
C ALA A 389 -32.51 -9.90 4.93
N VAL A 390 -31.44 -10.06 4.15
CA VAL A 390 -31.50 -10.87 2.94
C VAL A 390 -31.69 -12.34 3.31
N LEU A 391 -30.94 -12.82 4.31
CA LEU A 391 -31.11 -14.20 4.77
C LEU A 391 -32.50 -14.41 5.35
N HIS A 392 -33.12 -13.35 5.89
CA HIS A 392 -34.48 -13.46 6.38
C HIS A 392 -35.48 -13.61 5.24
N GLU A 393 -35.21 -12.98 4.08
CA GLU A 393 -36.14 -13.02 2.96
C GLU A 393 -36.14 -14.36 2.25
N VAL A 394 -34.96 -14.97 2.09
CA VAL A 394 -34.88 -16.25 1.39
C VAL A 394 -35.53 -17.37 2.19
N LYS A 395 -35.66 -17.21 3.51
CA LYS A 395 -36.32 -18.19 4.36
C LYS A 395 -37.80 -17.90 4.56
N ARG A 396 -38.37 -16.99 3.78
CA ARG A 396 -39.78 -16.65 3.90
C ARG A 396 -40.63 -17.65 3.10
N GLU A 397 -41.81 -17.94 3.63
CA GLU A 397 -42.64 -19.00 3.07
C GLU A 397 -43.35 -18.54 1.79
N GLY A 398 -43.75 -17.27 1.72
CA GLY A 398 -44.46 -16.74 0.60
C GLY A 398 -43.63 -16.36 -0.61
N LEU A 399 -42.34 -16.69 -0.61
CA LEU A 399 -41.46 -16.35 -1.72
C LEU A 399 -41.40 -17.51 -2.70
N PRO A 400 -41.71 -17.30 -3.97
CA PRO A 400 -41.63 -18.41 -4.94
C PRO A 400 -40.20 -18.89 -5.10
N VAL A 401 -40.08 -20.16 -5.50
CA VAL A 401 -38.76 -20.78 -5.61
C VAL A 401 -37.92 -20.07 -6.67
N GLU A 402 -38.54 -19.67 -7.78
CA GLU A 402 -37.82 -19.00 -8.85
C GLU A 402 -37.21 -17.68 -8.38
N GLN A 403 -37.93 -16.96 -7.51
CA GLN A 403 -37.39 -15.71 -6.98
C GLN A 403 -36.29 -15.98 -5.96
N ARG A 404 -36.44 -17.03 -5.15
CA ARG A 404 -35.42 -17.37 -4.17
C ARG A 404 -34.09 -17.69 -4.84
N ASN A 405 -34.13 -18.47 -5.92
CA ASN A 405 -32.90 -18.83 -6.61
C ASN A 405 -32.28 -17.66 -7.35
N GLU A 406 -33.08 -16.64 -7.69
CA GLU A 406 -32.51 -15.43 -8.26
C GLU A 406 -31.64 -14.71 -7.24
N ILE A 407 -32.01 -14.76 -5.96
CA ILE A 407 -31.25 -14.08 -4.92
C ILE A 407 -30.03 -14.88 -4.52
N LEU A 408 -30.16 -16.20 -4.43
CA LEU A 408 -29.02 -17.04 -4.05
C LEU A 408 -27.90 -16.93 -5.06
N THR A 409 -28.24 -16.96 -6.36
CA THR A 409 -27.23 -16.86 -7.40
C THR A 409 -26.51 -15.51 -7.36
N ALA A 410 -27.19 -14.47 -6.88
CA ALA A 410 -26.60 -13.15 -6.86
C ALA A 410 -25.63 -12.95 -5.69
N ILE A 411 -25.87 -13.60 -4.56
CA ILE A 411 -25.14 -13.31 -3.33
C ILE A 411 -24.20 -14.42 -2.90
N LEU A 412 -24.26 -15.60 -3.52
CA LEU A 412 -23.47 -16.73 -3.04
C LEU A 412 -21.98 -16.49 -3.25
N ALA A 413 -21.59 -15.94 -4.40
CA ALA A 413 -20.18 -15.69 -4.66
C ALA A 413 -19.59 -14.68 -3.68
N SER A 414 -20.42 -13.74 -3.19
CA SER A 414 -19.93 -12.76 -2.21
C SER A 414 -19.84 -13.37 -0.82
N LEU A 415 -20.79 -14.25 -0.47
CA LEU A 415 -20.74 -14.89 0.84
C LEU A 415 -19.64 -15.93 0.92
N THR A 416 -19.34 -16.60 -0.20
CA THR A 416 -18.22 -17.54 -0.24
C THR A 416 -16.90 -16.80 0.00
N ALA A 417 -16.69 -15.70 -0.71
CA ALA A 417 -15.46 -14.93 -0.53
C ALA A 417 -15.35 -14.35 0.87
N ARG A 418 -16.48 -13.99 1.48
CA ARG A 418 -16.44 -13.45 2.83
C ARG A 418 -15.96 -14.50 3.83
N GLN A 419 -16.49 -15.72 3.75
CA GLN A 419 -16.05 -16.77 4.65
C GLN A 419 -14.61 -17.18 4.37
N ASN A 420 -14.24 -17.28 3.10
CA ASN A 420 -12.87 -17.67 2.76
C ASN A 420 -11.86 -16.61 3.22
N LEU A 421 -12.18 -15.34 3.00
CA LEU A 421 -11.24 -14.29 3.39
C LEU A 421 -11.18 -14.11 4.90
N ARG A 422 -12.29 -14.39 5.61
CA ARG A 422 -12.29 -14.28 7.06
C ARG A 422 -11.37 -15.32 7.68
N ARG A 423 -11.32 -16.52 7.11
CA ARG A 423 -10.43 -17.55 7.63
C ARG A 423 -8.97 -17.18 7.42
N GLU A 424 -8.64 -16.63 6.26
CA GLU A 424 -7.26 -16.21 6.01
C GLU A 424 -6.86 -15.08 6.95
N TRP A 425 -7.73 -14.10 7.13
CA TRP A 425 -7.41 -12.97 8.00
C TRP A 425 -7.30 -13.40 9.46
N HIS A 426 -8.19 -14.27 9.91
CA HIS A 426 -8.09 -14.79 11.28
C HIS A 426 -6.84 -15.63 11.46
N ALA A 427 -6.40 -16.33 10.41
CA ALA A 427 -5.17 -17.09 10.50
C ALA A 427 -3.94 -16.18 10.48
N ARG A 428 -4.02 -15.05 9.76
CA ARG A 428 -2.91 -14.10 9.76
C ARG A 428 -2.72 -13.47 11.13
N CYS A 429 -3.81 -13.14 11.81
CA CYS A 429 -3.70 -12.50 13.11
C CYS A 429 -3.21 -13.47 14.18
N GLN A 430 -3.44 -14.76 14.00
CA GLN A 430 -3.00 -15.75 14.96
C GLN A 430 -1.96 -16.70 14.36
N SER A 431 -0.83 -16.14 13.94
CA SER A 431 0.30 -16.92 13.47
C SER A 431 1.47 -16.77 14.43
N ARG A 432 2.41 -17.71 14.34
CA ARG A 432 3.53 -17.72 15.30
C ARG A 432 4.37 -16.45 15.19
N ILE A 433 4.61 -15.97 13.97
CA ILE A 433 5.35 -14.73 13.80
C ILE A 433 4.54 -13.53 14.26
N ALA A 434 3.21 -13.63 14.29
CA ALA A 434 2.38 -12.52 14.71
C ALA A 434 2.42 -12.29 16.22
N ARG A 435 2.84 -13.29 17.00
CA ARG A 435 2.93 -13.11 18.44
C ARG A 435 4.25 -12.44 18.85
N THR A 436 5.31 -12.67 18.08
CA THR A 436 6.63 -12.17 18.47
C THR A 436 6.74 -10.65 18.38
N LEU A 437 5.83 -9.99 17.66
CA LEU A 437 5.84 -8.53 17.63
C LEU A 437 5.50 -7.97 19.00
N PRO A 438 6.00 -6.77 19.32
CA PRO A 438 5.65 -6.15 20.60
C PRO A 438 4.17 -5.82 20.66
N ALA A 439 3.72 -5.48 21.87
CA ALA A 439 2.28 -5.41 22.16
C ALA A 439 1.59 -4.28 21.40
N ASP A 440 2.30 -3.18 21.12
CA ASP A 440 1.66 -2.02 20.52
C ASP A 440 1.49 -2.12 19.02
N GLN A 441 1.94 -3.22 18.39
CA GLN A 441 1.64 -3.46 16.98
C GLN A 441 1.23 -4.90 16.75
N LYS A 442 0.70 -5.56 17.76
CA LYS A 442 0.17 -6.91 17.57
C LYS A 442 -1.11 -6.83 16.75
N PRO A 443 -1.26 -7.66 15.72
CA PRO A 443 -2.45 -7.57 14.86
C PRO A 443 -3.71 -7.88 15.66
N GLU A 444 -4.70 -7.00 15.54
CA GLU A 444 -6.03 -7.23 16.09
C GLU A 444 -6.95 -7.70 14.98
N CYS A 445 -7.69 -8.78 15.25
CA CYS A 445 -8.58 -9.36 14.26
C CYS A 445 -9.93 -8.64 14.25
N ARG A 446 -9.89 -7.30 14.22
CA ARG A 446 -11.11 -6.50 14.27
C ARG A 446 -11.74 -6.43 12.88
N PRO A 447 -13.08 -6.59 12.80
CA PRO A 447 -13.96 -6.87 13.93
C PRO A 447 -14.12 -8.37 14.19
N TYR A 448 -14.20 -8.75 15.46
CA TYR A 448 -14.32 -10.14 15.86
C TYR A 448 -15.31 -10.26 17.01
N TRP A 449 -16.15 -11.30 16.96
CA TRP A 449 -17.16 -11.51 17.99
C TRP A 449 -17.42 -12.99 18.13
N GLU A 450 -17.87 -13.38 19.32
CA GLU A 450 -18.16 -14.77 19.61
C GLU A 450 -19.63 -15.08 19.29
N LYS A 451 -19.93 -16.38 19.21
CA LYS A 451 -21.31 -16.81 19.14
C LYS A 451 -22.12 -16.32 20.34
N ASP A 452 -21.43 -16.08 21.46
CA ASP A 452 -22.06 -15.46 22.63
C ASP A 452 -22.65 -14.11 22.26
N ASP A 453 -21.89 -13.29 21.55
CA ASP A 453 -22.25 -11.89 21.33
C ASP A 453 -23.63 -11.77 20.69
N ALA A 454 -24.57 -11.17 21.42
CA ALA A 454 -25.92 -10.95 20.94
C ALA A 454 -26.10 -9.62 20.24
N SER A 455 -25.14 -8.70 20.35
CA SER A 455 -25.23 -7.44 19.63
C SER A 455 -25.03 -7.64 18.13
N MET A 456 -24.28 -8.68 17.74
CA MET A 456 -24.14 -9.02 16.34
C MET A 456 -25.33 -9.86 15.88
N PRO A 457 -25.91 -9.56 14.71
CA PRO A 457 -27.02 -10.37 14.21
C PRO A 457 -26.60 -11.63 13.48
N LEU A 458 -25.32 -11.77 13.14
CA LEU A 458 -24.82 -12.89 12.37
C LEU A 458 -23.51 -13.37 12.98
N PRO A 459 -23.24 -14.68 12.93
CA PRO A 459 -22.00 -15.20 13.50
C PRO A 459 -20.79 -14.83 12.64
N PHE A 460 -19.61 -15.09 13.19
CA PHE A 460 -18.39 -14.85 12.43
C PHE A 460 -18.11 -15.99 11.46
N ASP A 461 -18.40 -17.22 11.87
CA ASP A 461 -18.23 -18.38 11.00
C ASP A 461 -19.50 -18.56 10.18
N LEU A 462 -19.37 -18.44 8.86
CA LEU A 462 -20.50 -18.51 7.94
C LEU A 462 -20.61 -19.84 7.22
N THR A 463 -19.90 -20.87 7.70
CA THR A 463 -19.87 -22.15 7.00
C THR A 463 -21.25 -22.82 6.98
N ASP A 464 -21.96 -22.77 8.11
CA ASP A 464 -23.29 -23.36 8.17
C ASP A 464 -24.28 -22.64 7.27
N ILE A 465 -24.14 -21.32 7.16
CA ILE A 465 -25.03 -20.59 6.26
C ILE A 465 -24.69 -20.90 4.81
N VAL A 466 -23.43 -20.68 4.40
CA VAL A 466 -23.04 -20.87 3.00
C VAL A 466 -23.42 -22.26 2.52
N SER A 467 -23.16 -23.29 3.34
CA SER A 467 -23.48 -24.65 2.92
C SER A 467 -24.99 -24.86 2.78
N GLU A 468 -25.79 -24.18 3.61
CA GLU A 468 -27.23 -24.30 3.51
C GLU A 468 -27.74 -23.71 2.20
N LEU A 469 -27.29 -22.50 1.84
CA LEU A 469 -27.76 -21.88 0.60
C LEU A 469 -27.40 -22.72 -0.62
N ARG A 470 -26.26 -23.41 -0.60
CA ARG A 470 -25.97 -24.36 -1.67
C ARG A 470 -26.93 -25.53 -1.63
N GLY A 471 -27.26 -26.03 -0.44
CA GLY A 471 -28.23 -27.10 -0.32
C GLY A 471 -29.62 -26.70 -0.78
N GLN A 472 -29.98 -25.42 -0.61
CA GLN A 472 -31.25 -24.93 -1.13
C GLN A 472 -31.25 -24.84 -2.64
N LEU A 473 -30.08 -24.84 -3.27
CA LEU A 473 -29.99 -24.87 -4.73
C LEU A 473 -30.16 -26.29 -5.27
N LEU A 474 -29.91 -27.31 -4.45
CA LEU A 474 -30.14 -28.68 -4.88
C LEU A 474 -31.62 -28.94 -5.14
N GLU A 475 -32.45 -28.78 -4.12
CA GLU A 475 -33.88 -29.02 -4.26
C GLU A 475 -34.69 -27.89 -3.65
C1 AKG B . 11.33 1.06 -1.96
O1 AKG B . 10.40 1.86 -1.85
O2 AKG B . 11.81 0.35 -0.98
C2 AKG B . 12.01 0.83 -3.32
O5 AKG B . 11.39 0.30 -4.23
C3 AKG B . 13.43 1.28 -3.46
C4 AKG B . 13.64 2.73 -3.09
C5 AKG B . 14.75 2.95 -2.11
O3 AKG B . 14.61 2.84 -0.91
O4 AKG B . 15.88 3.29 -2.67
N3 A1EF5 C . 5.91 -1.91 -4.14
C5 A1EF5 C . 7.42 -1.43 -2.55
C6 A1EF5 C . 8.19 -0.55 -1.62
C7 A1EF5 C . 7.48 -2.80 -2.79
C8 A1EF5 C . 8.30 -3.79 -2.03
C10 A1EF5 C . 9.89 -5.59 -2.01
C15 A1EF5 C . 9.21 -7.71 1.57
C22 A1EF5 C . 9.10 -4.67 0.05
C24 A1EF5 C . 8.31 -3.78 -0.65
C1 A1EF5 C . 6.14 -4.35 -4.44
C12 A1EF5 C . 9.92 -5.60 -0.61
C14 A1EF5 C . 10.47 -7.52 0.92
C16 A1EF5 C . 9.21 -8.85 2.33
C18 A1EF5 C . 11.40 -8.50 1.22
C19 A1EF5 C . 12.80 -8.61 0.70
C2 A1EF5 C . 6.51 -3.05 -3.80
C9 A1EF5 C . 9.10 -4.71 -2.71
N13 A1EF5 C . 10.80 -6.47 0.11
N4 A1EF5 C . 6.48 -0.95 -3.38
O20 A1EF5 C . 13.10 -7.88 -0.28
O21 A1EF5 C . 13.58 -9.40 1.28
S17 A1EF5 C . 10.72 -9.67 2.29
CL11 A1EF5 C . 10.86 -6.72 -2.89
CL23 A1EF5 C . 9.11 -4.61 1.78
#